data_3UC9
#
_entry.id   3UC9
#
_cell.length_a   61.638
_cell.length_b   61.638
_cell.length_c   95.144
_cell.angle_alpha   90.000
_cell.angle_beta   90.000
_cell.angle_gamma   120.000
#
_symmetry.space_group_name_H-M   'P 65'
#
loop_
_entity.id
_entity.type
_entity.pdbx_description
1 polymer 'Increased recombination centers protein 6'
2 water water
#
_entity_poly.entity_id   1
_entity_poly.type   'polypeptide(L)'
_entity_poly.pdbx_seq_one_letter_code
;MGSSHHHHHHSSGLVPRGSHMVLQYPQNKILVLSDHPHNFLKTQFLQDLFHCSSTGISIVKDQTWENRYYKVHFDLYIDS
CKDIPVWVEEFITPECEPLRNVMAGIILITDIRQTKPQELLHQFMIAAHRNTFVVLVNVNEEVEQDEIDELNEIWSNAFT
NVIEFVNWKRSKPTVNHNDYGEKLGLDRIQEIIDTHDWLNCEVQPATKIREEIPNEMPLEQIIRNLQSARLKY
;
_entity_poly.pdbx_strand_id   A
#
# COMPACT_ATOMS: atom_id res chain seq x y z
N VAL A 22 3.62 -2.63 -24.18
CA VAL A 22 2.49 -2.67 -25.14
C VAL A 22 1.21 -3.20 -24.47
N LEU A 23 1.22 -4.49 -24.12
CA LEU A 23 0.07 -5.09 -23.40
C LEU A 23 0.01 -4.57 -21.97
N GLN A 24 -1.18 -4.19 -21.52
CA GLN A 24 -1.42 -3.95 -20.10
C GLN A 24 -1.96 -5.25 -19.51
N TYR A 25 -1.16 -5.87 -18.65
CA TYR A 25 -1.52 -7.13 -18.00
C TYR A 25 -2.57 -6.82 -16.95
N PRO A 26 -3.36 -7.84 -16.55
CA PRO A 26 -4.28 -7.62 -15.45
C PRO A 26 -3.52 -7.07 -14.24
N GLN A 27 -3.98 -5.95 -13.72
CA GLN A 27 -3.26 -5.24 -12.67
C GLN A 27 -3.88 -5.58 -11.32
N ASN A 28 -3.57 -6.78 -10.82
CA ASN A 28 -4.25 -7.32 -9.65
C ASN A 28 -3.30 -7.80 -8.55
N LYS A 29 -2.12 -7.20 -8.48
CA LYS A 29 -1.19 -7.52 -7.40
C LYS A 29 -1.23 -6.43 -6.35
N ILE A 30 -1.21 -6.84 -5.09
CA ILE A 30 -0.99 -5.91 -3.98
C ILE A 30 0.26 -6.35 -3.24
N LEU A 31 1.25 -5.46 -3.17
CA LEU A 31 2.49 -5.71 -2.47
C LEU A 31 2.41 -5.09 -1.08
N VAL A 32 2.70 -5.89 -0.05
CA VAL A 32 2.81 -5.39 1.31
C VAL A 32 4.26 -5.59 1.74
N LEU A 33 4.92 -4.48 2.04
CA LEU A 33 6.35 -4.42 2.33
C LEU A 33 6.57 -3.81 3.72
N SER A 34 7.57 -4.31 4.44
CA SER A 34 8.07 -3.64 5.64
C SER A 34 9.58 -3.75 5.70
N ASP A 35 10.22 -2.79 6.37
CA ASP A 35 11.61 -3.02 6.78
C ASP A 35 11.62 -4.06 7.92
N HIS A 36 12.74 -4.74 8.08
CA HIS A 36 12.85 -5.94 8.92
C HIS A 36 12.29 -5.81 10.33
N PRO A 37 12.55 -4.68 11.03
CA PRO A 37 12.05 -4.58 12.40
C PRO A 37 10.53 -4.64 12.51
N HIS A 38 9.81 -4.32 11.44
CA HIS A 38 8.34 -4.31 11.49
C HIS A 38 7.68 -5.50 10.80
N ASN A 39 8.44 -6.59 10.59
CA ASN A 39 7.89 -7.75 9.90
C ASN A 39 6.71 -8.35 10.66
N PHE A 40 6.81 -8.43 11.98
CA PHE A 40 5.73 -9.05 12.75
C PHE A 40 4.45 -8.22 12.69
N LEU A 41 4.60 -6.92 12.89
CA LEU A 41 3.47 -5.99 12.76
C LEU A 41 2.82 -6.11 11.37
N LYS A 42 3.64 -6.26 10.34
CA LYS A 42 3.14 -6.52 8.99
C LYS A 42 2.28 -7.79 8.93
N THR A 43 2.71 -8.86 9.60
CA THR A 43 1.92 -10.11 9.62
C THR A 43 0.57 -9.89 10.31
N GLN A 44 0.56 -9.11 11.40
CA GLN A 44 -0.69 -8.73 12.06
C GLN A 44 -1.59 -7.87 11.14
N PHE A 45 -0.97 -6.93 10.43
CA PHE A 45 -1.69 -6.10 9.45
C PHE A 45 -2.37 -6.96 8.39
N LEU A 46 -1.67 -7.98 7.90
CA LEU A 46 -2.22 -8.87 6.87
C LEU A 46 -3.43 -9.63 7.40
N GLN A 47 -3.34 -10.10 8.63
CA GLN A 47 -4.47 -10.76 9.27
C GLN A 47 -5.67 -9.81 9.40
N ASP A 48 -5.41 -8.58 9.85
CA ASP A 48 -6.49 -7.64 10.15
C ASP A 48 -7.20 -7.11 8.90
N LEU A 49 -6.45 -6.83 7.85
CA LEU A 49 -7.02 -6.24 6.65
C LEU A 49 -7.45 -7.30 5.64
N PHE A 50 -6.63 -8.33 5.45
CA PHE A 50 -6.87 -9.33 4.40
C PHE A 50 -7.29 -10.70 4.92
N HIS A 51 -7.30 -10.88 6.24
CA HIS A 51 -7.61 -12.18 6.85
C HIS A 51 -6.71 -13.28 6.29
N CYS A 52 -5.42 -12.93 6.20
CA CYS A 52 -4.40 -13.81 5.66
C CYS A 52 -3.42 -14.18 6.77
N SER A 53 -3.41 -15.46 7.14
CA SER A 53 -2.49 -15.97 8.15
C SER A 53 -1.18 -16.42 7.51
N SER A 54 -0.33 -15.45 7.20
CA SER A 54 0.97 -15.72 6.59
C SER A 54 1.99 -16.18 7.63
N THR A 55 3.15 -16.61 7.13
CA THR A 55 4.30 -16.96 7.97
C THR A 55 5.46 -15.96 7.77
N GLY A 56 5.53 -15.33 6.59
CA GLY A 56 6.56 -14.35 6.27
C GLY A 56 6.45 -13.90 4.81
N ILE A 57 7.61 -13.76 4.15
CA ILE A 57 7.68 -13.34 2.74
C ILE A 57 7.19 -14.45 1.80
N SER A 58 6.11 -14.18 1.06
CA SER A 58 5.48 -15.18 0.21
C SER A 58 4.52 -14.59 -0.84
N ILE A 59 4.03 -15.45 -1.73
CA ILE A 59 3.05 -15.10 -2.75
C ILE A 59 1.75 -15.83 -2.45
N VAL A 60 0.71 -15.08 -2.12
CA VAL A 60 -0.59 -15.64 -1.79
C VAL A 60 -1.58 -15.31 -2.91
N LYS A 61 -1.88 -16.32 -3.75
CA LYS A 61 -2.65 -16.08 -4.97
C LYS A 61 -4.15 -16.25 -4.81
N ASP A 62 -4.90 -15.57 -5.68
CA ASP A 62 -6.37 -15.72 -5.80
C ASP A 62 -7.11 -15.48 -4.49
N GLN A 63 -6.74 -14.37 -3.84
CA GLN A 63 -7.49 -13.84 -2.72
C GLN A 63 -8.69 -13.10 -3.29
N THR A 64 -9.74 -12.96 -2.48
CA THR A 64 -10.91 -12.23 -2.94
C THR A 64 -11.00 -10.93 -2.17
N TRP A 65 -11.16 -9.83 -2.91
CA TRP A 65 -11.51 -8.57 -2.30
C TRP A 65 -12.96 -8.31 -2.61
N GLU A 66 -13.78 -8.24 -1.58
CA GLU A 66 -15.22 -8.12 -1.76
C GLU A 66 -15.80 -7.06 -0.85
N ASN A 67 -16.77 -6.34 -1.39
CA ASN A 67 -17.53 -5.37 -0.62
C ASN A 67 -18.98 -5.50 -1.08
N ARG A 68 -19.81 -4.54 -0.71
CA ARG A 68 -21.22 -4.59 -1.07
C ARG A 68 -21.50 -4.40 -2.57
N TYR A 69 -20.51 -3.91 -3.32
CA TYR A 69 -20.68 -3.54 -4.73
C TYR A 69 -20.13 -4.58 -5.69
N TYR A 70 -18.94 -5.10 -5.41
CA TYR A 70 -18.27 -6.03 -6.34
C TYR A 70 -17.35 -7.00 -5.62
N LYS A 71 -16.89 -8.00 -6.37
CA LYS A 71 -15.83 -8.92 -5.96
C LYS A 71 -14.76 -8.90 -7.04
N VAL A 72 -13.49 -8.87 -6.63
CA VAL A 72 -12.37 -8.98 -7.57
C VAL A 72 -11.35 -9.93 -6.95
N HIS A 73 -10.63 -10.68 -7.79
CA HIS A 73 -9.62 -11.60 -7.31
C HIS A 73 -8.25 -10.96 -7.48
N PHE A 74 -7.42 -11.04 -6.44
CA PHE A 74 -6.09 -10.41 -6.46
C PHE A 74 -5.03 -11.33 -5.83
N ASP A 75 -3.77 -11.02 -6.11
CA ASP A 75 -2.62 -11.72 -5.55
C ASP A 75 -1.93 -10.81 -4.53
N LEU A 76 -1.56 -11.38 -3.38
CA LEU A 76 -0.83 -10.68 -2.35
C LEU A 76 0.64 -11.07 -2.45
N TYR A 77 1.49 -10.07 -2.63
CA TYR A 77 2.94 -10.26 -2.57
C TYR A 77 3.45 -9.67 -1.27
N ILE A 78 4.05 -10.52 -0.43
CA ILE A 78 4.56 -10.09 0.86
C ILE A 78 6.08 -10.08 0.79
N ASP A 79 6.69 -8.94 1.10
CA ASP A 79 8.13 -8.80 1.00
C ASP A 79 8.66 -8.05 2.22
N SER A 80 9.98 -8.12 2.38
CA SER A 80 10.69 -7.47 3.46
C SER A 80 12.00 -6.93 2.93
N CYS A 81 12.57 -5.97 3.63
CA CYS A 81 13.86 -5.43 3.25
C CYS A 81 14.61 -4.93 4.46
N LYS A 82 15.94 -4.94 4.39
CA LYS A 82 16.75 -4.36 5.46
C LYS A 82 16.71 -2.84 5.40
N ASP A 83 16.74 -2.30 4.18
CA ASP A 83 16.77 -0.85 3.96
C ASP A 83 15.80 -0.49 2.83
N ILE A 84 14.82 0.36 3.13
CA ILE A 84 13.80 0.74 2.14
C ILE A 84 14.43 1.30 0.85
N PRO A 85 15.38 2.25 0.97
CA PRO A 85 15.97 2.80 -0.26
C PRO A 85 16.62 1.75 -1.18
N VAL A 86 17.29 0.75 -0.60
CA VAL A 86 17.89 -0.32 -1.39
C VAL A 86 16.79 -1.10 -2.14
N TRP A 87 15.69 -1.38 -1.45
CA TRP A 87 14.56 -2.05 -2.08
C TRP A 87 13.96 -1.20 -3.21
N VAL A 88 13.80 0.09 -2.97
CA VAL A 88 13.28 1.03 -3.99
C VAL A 88 14.20 1.06 -5.22
N GLU A 89 15.51 1.09 -4.99
CA GLU A 89 16.45 1.09 -6.11
C GLU A 89 16.24 -0.11 -7.01
N GLU A 90 16.05 -1.29 -6.41
CA GLU A 90 15.82 -2.53 -7.18
C GLU A 90 14.45 -2.51 -7.87
N PHE A 91 13.45 -1.99 -7.19
CA PHE A 91 12.08 -1.93 -7.71
C PHE A 91 11.96 -1.03 -8.95
N ILE A 92 12.75 0.04 -8.98
CA ILE A 92 12.75 1.07 -10.03
C ILE A 92 13.47 0.67 -11.34
N THR A 93 14.19 -0.44 -11.31
CA THR A 93 15.01 -0.85 -12.45
C THR A 93 14.15 -1.26 -13.65
N PRO A 94 14.70 -1.15 -14.88
CA PRO A 94 13.99 -1.60 -16.08
C PRO A 94 13.51 -3.05 -16.01
N GLU A 95 14.32 -3.91 -15.38
CA GLU A 95 13.98 -5.34 -15.26
C GLU A 95 12.71 -5.58 -14.45
N CYS A 96 12.41 -4.67 -13.52
CA CYS A 96 11.21 -4.77 -12.69
C CYS A 96 10.00 -4.01 -13.26
N GLU A 97 10.13 -3.45 -14.46
CA GLU A 97 9.02 -2.70 -15.08
C GLU A 97 7.75 -3.55 -15.26
N PRO A 98 7.87 -4.78 -15.78
CA PRO A 98 6.69 -5.64 -15.85
C PRO A 98 5.99 -5.82 -14.50
N LEU A 99 6.77 -6.08 -13.45
CA LEU A 99 6.20 -6.20 -12.09
C LEU A 99 5.49 -4.91 -11.65
N ARG A 100 6.13 -3.77 -11.84
CA ARG A 100 5.52 -2.48 -11.46
C ARG A 100 4.17 -2.32 -12.16
N ASN A 101 4.10 -2.73 -13.41
CA ASN A 101 2.88 -2.50 -14.20
C ASN A 101 1.68 -3.37 -13.79
N VAL A 102 1.91 -4.44 -13.03
CA VAL A 102 0.79 -5.26 -12.54
C VAL A 102 0.38 -4.95 -11.10
N MET A 103 1.02 -3.95 -10.49
CA MET A 103 0.67 -3.55 -9.12
C MET A 103 -0.60 -2.69 -9.06
N ALA A 104 -1.65 -3.25 -8.48
CA ALA A 104 -2.85 -2.49 -8.13
C ALA A 104 -2.50 -1.52 -7.02
N GLY A 105 -1.71 -1.97 -6.05
CA GLY A 105 -1.28 -1.12 -4.96
C GLY A 105 -0.04 -1.61 -4.25
N ILE A 106 0.57 -0.70 -3.50
CA ILE A 106 1.74 -0.97 -2.68
C ILE A 106 1.46 -0.42 -1.32
N ILE A 107 1.67 -1.22 -0.28
CA ILE A 107 1.46 -0.80 1.10
C ILE A 107 2.78 -1.00 1.84
N LEU A 108 3.32 0.08 2.39
CA LEU A 108 4.55 0.03 3.15
C LEU A 108 4.22 0.21 4.63
N ILE A 109 4.69 -0.73 5.44
CA ILE A 109 4.51 -0.71 6.89
C ILE A 109 5.86 -0.32 7.50
N THR A 110 5.94 0.84 8.16
CA THR A 110 7.22 1.31 8.68
C THR A 110 7.07 2.35 9.78
N ASP A 111 8.19 2.72 10.36
CA ASP A 111 8.27 3.85 11.28
C ASP A 111 8.72 5.01 10.42
N ILE A 112 7.81 5.92 10.08
CA ILE A 112 8.14 6.95 9.08
C ILE A 112 9.14 7.99 9.57
N ARG A 113 9.28 8.13 10.89
CA ARG A 113 10.32 9.00 11.45
C ARG A 113 11.72 8.41 11.22
N GLN A 114 11.82 7.09 11.27
CA GLN A 114 13.09 6.39 11.09
C GLN A 114 13.46 6.24 9.62
N THR A 115 12.48 5.84 8.79
CA THR A 115 12.76 5.47 7.40
C THR A 115 12.43 6.58 6.40
N LYS A 116 11.64 7.57 6.82
CA LYS A 116 11.29 8.72 5.97
C LYS A 116 11.07 8.35 4.51
N PRO A 117 10.07 7.48 4.23
CA PRO A 117 9.80 7.08 2.86
C PRO A 117 9.38 8.24 1.95
N GLN A 118 8.91 9.35 2.55
CA GLN A 118 8.61 10.56 1.80
C GLN A 118 9.82 11.13 1.02
N GLU A 119 11.03 10.82 1.47
CA GLU A 119 12.26 11.26 0.78
C GLU A 119 12.53 10.51 -0.53
N LEU A 120 11.95 9.32 -0.67
CA LEU A 120 12.12 8.45 -1.84
C LEU A 120 10.91 8.52 -2.77
N LEU A 121 9.81 9.11 -2.28
CA LEU A 121 8.51 8.99 -2.94
C LEU A 121 8.47 9.60 -4.34
N HIS A 122 9.11 10.74 -4.55
CA HIS A 122 9.10 11.35 -5.89
C HIS A 122 9.64 10.40 -6.95
N GLN A 123 10.83 9.86 -6.69
CA GLN A 123 11.47 8.94 -7.62
C GLN A 123 10.71 7.61 -7.75
N PHE A 124 10.18 7.13 -6.64
CA PHE A 124 9.36 5.92 -6.66
C PHE A 124 8.14 6.10 -7.55
N MET A 125 7.43 7.22 -7.36
CA MET A 125 6.20 7.47 -8.10
C MET A 125 6.46 7.67 -9.60
N ILE A 126 7.57 8.32 -9.96
CA ILE A 126 7.94 8.44 -11.37
C ILE A 126 7.98 7.08 -12.06
N ALA A 127 8.50 6.07 -11.36
CA ALA A 127 8.66 4.73 -11.92
C ALA A 127 7.37 3.91 -11.85
N ALA A 128 6.48 4.25 -10.93
CA ALA A 128 5.25 3.47 -10.71
C ALA A 128 4.29 3.62 -11.89
N HIS A 129 3.49 2.59 -12.12
CA HIS A 129 2.34 2.71 -13.00
C HIS A 129 1.44 3.79 -12.40
N ARG A 130 0.83 4.56 -13.29
CA ARG A 130 0.05 5.74 -12.93
C ARG A 130 -1.24 5.44 -12.14
N ASN A 131 -1.72 4.19 -12.16
CA ASN A 131 -2.94 3.78 -11.43
C ASN A 131 -2.71 3.14 -10.05
N THR A 132 -1.48 2.72 -9.78
CA THR A 132 -1.14 2.02 -8.54
C THR A 132 -1.40 2.88 -7.31
N PHE A 133 -2.20 2.40 -6.37
CA PHE A 133 -2.32 3.12 -5.10
C PHE A 133 -1.06 2.89 -4.23
N VAL A 134 -0.70 3.88 -3.43
CA VAL A 134 0.45 3.77 -2.52
C VAL A 134 0.04 4.25 -1.15
N VAL A 135 0.06 3.34 -0.19
CA VAL A 135 -0.30 3.65 1.20
C VAL A 135 0.93 3.43 2.06
N LEU A 136 1.30 4.47 2.80
CA LEU A 136 2.42 4.42 3.73
C LEU A 136 1.82 4.38 5.12
N VAL A 137 2.00 3.23 5.77
CA VAL A 137 1.40 2.96 7.06
C VAL A 137 2.43 3.19 8.13
N ASN A 138 2.22 4.21 8.96
CA ASN A 138 3.10 4.50 10.06
C ASN A 138 2.70 3.77 11.35
N VAL A 139 3.66 3.06 11.93
CA VAL A 139 3.44 2.32 13.17
C VAL A 139 4.07 3.01 14.38
N ASN A 140 4.82 4.10 14.17
CA ASN A 140 5.36 4.92 15.26
C ASN A 140 4.25 5.69 15.98
N GLU A 141 3.96 5.27 17.22
CA GLU A 141 2.80 5.79 17.95
C GLU A 141 2.96 7.23 18.44
N GLU A 142 4.17 7.79 18.33
CA GLU A 142 4.42 9.19 18.71
C GLU A 142 4.01 10.19 17.62
N VAL A 143 3.75 9.71 16.41
CA VAL A 143 3.34 10.58 15.30
C VAL A 143 1.85 10.89 15.43
N GLU A 144 1.52 12.17 15.52
CA GLU A 144 0.12 12.59 15.65
C GLU A 144 -0.49 12.77 14.28
N GLN A 145 -1.82 12.82 14.23
CA GLN A 145 -2.51 12.95 12.96
C GLN A 145 -2.17 14.24 12.22
N ASP A 146 -1.88 15.32 12.93
CA ASP A 146 -1.49 16.58 12.27
C ASP A 146 -0.25 16.40 11.39
N GLU A 147 0.69 15.59 11.85
CA GLU A 147 1.92 15.33 11.10
C GLU A 147 1.62 14.52 9.83
N ILE A 148 0.77 13.51 9.96
CA ILE A 148 0.27 12.73 8.84
C ILE A 148 -0.49 13.63 7.85
N ASP A 149 -1.38 14.46 8.38
CA ASP A 149 -2.18 15.38 7.57
C ASP A 149 -1.31 16.28 6.69
N GLU A 150 -0.19 16.76 7.24
CA GLU A 150 0.73 17.63 6.49
C GLU A 150 1.39 16.88 5.33
N LEU A 151 1.79 15.64 5.58
CA LEU A 151 2.32 14.77 4.52
C LEU A 151 1.30 14.50 3.42
N ASN A 152 0.05 14.28 3.81
CA ASN A 152 -1.02 14.06 2.84
C ASN A 152 -1.35 15.30 2.01
N GLU A 153 -1.29 16.47 2.62
CA GLU A 153 -1.43 17.72 1.89
C GLU A 153 -0.39 17.84 0.77
N ILE A 154 0.83 17.39 1.05
CA ILE A 154 1.89 17.39 0.05
C ILE A 154 1.67 16.34 -1.06
N TRP A 155 1.36 15.10 -0.68
CA TRP A 155 1.45 13.96 -1.60
C TRP A 155 0.12 13.46 -2.20
N SER A 156 -1.00 13.77 -1.58
CA SER A 156 -2.28 13.17 -1.98
C SER A 156 -2.78 13.61 -3.36
N ASN A 157 -2.27 14.73 -3.87
CA ASN A 157 -2.61 15.19 -5.21
C ASN A 157 -1.38 15.45 -6.10
N ALA A 158 -0.24 14.91 -5.70
CA ALA A 158 1.03 15.12 -6.40
C ALA A 158 1.11 14.33 -7.72
N PHE A 159 0.38 13.22 -7.78
CA PHE A 159 0.42 12.31 -8.93
C PHE A 159 -1.00 11.84 -9.30
N THR A 160 -1.12 11.20 -10.46
CA THR A 160 -2.38 10.52 -10.80
C THR A 160 -2.78 9.53 -9.69
N ASN A 161 -1.77 8.90 -9.10
CA ASN A 161 -1.97 7.84 -8.09
C ASN A 161 -2.62 8.33 -6.82
N VAL A 162 -3.41 7.46 -6.20
CA VAL A 162 -3.85 7.68 -4.83
C VAL A 162 -2.65 7.38 -3.93
N ILE A 163 -2.23 8.40 -3.18
CA ILE A 163 -1.11 8.25 -2.25
C ILE A 163 -1.61 8.73 -0.91
N GLU A 164 -1.46 7.90 0.12
CA GLU A 164 -1.89 8.32 1.43
C GLU A 164 -1.05 7.77 2.57
N PHE A 165 -0.71 8.66 3.50
CA PHE A 165 -0.07 8.28 4.76
C PHE A 165 -1.17 8.00 5.79
N VAL A 166 -1.03 6.90 6.52
CA VAL A 166 -2.04 6.48 7.52
C VAL A 166 -1.36 5.98 8.80
N ASN A 167 -1.86 6.41 9.96
CA ASN A 167 -1.39 5.87 11.23
C ASN A 167 -2.10 4.56 11.54
N TRP A 168 -1.36 3.57 12.04
CA TRP A 168 -1.94 2.33 12.53
C TRP A 168 -1.31 1.88 13.85
N LYS A 169 -2.12 1.76 14.89
CA LYS A 169 -1.67 1.41 16.24
C LYS A 169 -2.33 0.11 16.72
N THR A 174 -6.54 2.32 17.62
CA THR A 174 -6.53 3.16 16.41
C THR A 174 -7.92 3.75 16.17
N VAL A 175 -8.04 5.07 16.29
CA VAL A 175 -9.31 5.77 16.02
C VAL A 175 -9.58 5.71 14.52
N ASN A 176 -10.83 5.40 14.15
CA ASN A 176 -11.17 5.12 12.75
C ASN A 176 -11.89 6.27 12.03
N HIS A 177 -11.85 7.47 12.60
CA HIS A 177 -12.48 8.64 11.98
C HIS A 177 -11.85 9.94 12.47
N ASN A 178 -11.91 10.99 11.65
CA ASN A 178 -11.49 12.31 12.09
C ASN A 178 -12.73 13.13 12.49
N ASP A 179 -12.55 14.43 12.72
CA ASP A 179 -13.65 15.31 13.15
C ASP A 179 -14.53 15.87 12.02
N TYR A 180 -14.26 15.44 10.79
CA TYR A 180 -15.00 15.88 9.61
C TYR A 180 -15.71 14.69 8.91
N GLY A 181 -15.83 13.57 9.62
CA GLY A 181 -16.52 12.41 9.07
C GLY A 181 -15.80 11.67 7.96
N GLU A 182 -14.46 11.81 7.91
CA GLU A 182 -13.62 11.00 7.02
C GLU A 182 -13.08 9.81 7.80
N LYS A 183 -12.76 8.74 7.09
CA LYS A 183 -12.20 7.54 7.70
C LYS A 183 -10.70 7.67 7.96
N LEU A 184 -10.23 6.99 9.01
CA LEU A 184 -8.81 6.87 9.31
C LEU A 184 -8.50 5.39 9.56
N GLY A 185 -7.22 5.09 9.76
CA GLY A 185 -6.80 3.75 10.15
C GLY A 185 -7.02 2.72 9.07
N LEU A 186 -7.25 1.48 9.49
CA LEU A 186 -7.50 0.39 8.54
C LEU A 186 -8.80 0.57 7.78
N ASP A 187 -9.79 1.24 8.41
CA ASP A 187 -11.05 1.56 7.74
C ASP A 187 -10.80 2.41 6.49
N ARG A 188 -9.87 3.36 6.59
CA ARG A 188 -9.49 4.20 5.44
C ARG A 188 -8.79 3.40 4.36
N ILE A 189 -7.84 2.56 4.78
CA ILE A 189 -7.11 1.73 3.83
C ILE A 189 -8.10 0.81 3.09
N GLN A 190 -9.05 0.23 3.82
CA GLN A 190 -10.12 -0.58 3.19
C GLN A 190 -10.87 0.22 2.12
N GLU A 191 -11.17 1.48 2.42
CA GLU A 191 -11.87 2.36 1.47
C GLU A 191 -11.04 2.65 0.22
N ILE A 192 -9.74 2.83 0.41
CA ILE A 192 -8.84 3.07 -0.71
C ILE A 192 -8.86 1.87 -1.65
N ILE A 193 -8.85 0.67 -1.09
CA ILE A 193 -8.88 -0.54 -1.91
C ILE A 193 -10.25 -0.69 -2.57
N ASP A 194 -11.31 -0.47 -1.81
CA ASP A 194 -12.67 -0.54 -2.34
C ASP A 194 -12.91 0.38 -3.53
N THR A 195 -12.35 1.59 -3.48
CA THR A 195 -12.63 2.62 -4.49
C THR A 195 -11.61 2.60 -5.63
N HIS A 196 -10.62 1.70 -5.55
CA HIS A 196 -9.61 1.52 -6.59
C HIS A 196 -10.21 1.05 -7.91
N ASP A 197 -9.70 1.59 -9.02
CA ASP A 197 -10.05 1.06 -10.35
C ASP A 197 -9.16 -0.11 -10.69
N TRP A 198 -9.72 -1.31 -10.68
CA TRP A 198 -8.96 -2.52 -10.93
C TRP A 198 -8.76 -2.72 -12.44
N LEU A 199 -7.60 -2.29 -12.92
CA LEU A 199 -7.32 -2.19 -14.34
C LEU A 199 -7.15 -3.56 -15.00
N ASN A 200 -7.99 -3.80 -16.02
CA ASN A 200 -8.01 -5.07 -16.76
C ASN A 200 -8.19 -6.30 -15.86
N CYS A 201 -8.97 -6.14 -14.79
CA CYS A 201 -9.40 -7.24 -13.93
C CYS A 201 -10.88 -7.48 -14.12
N GLU A 202 -11.28 -8.76 -14.05
CA GLU A 202 -12.68 -9.11 -14.11
C GLU A 202 -13.31 -8.76 -12.77
N VAL A 203 -14.31 -7.90 -12.81
CA VAL A 203 -14.98 -7.47 -11.60
C VAL A 203 -16.39 -8.00 -11.69
N GLN A 204 -16.81 -8.75 -10.68
CA GLN A 204 -18.13 -9.37 -10.62
C GLN A 204 -19.02 -8.63 -9.62
N PRO A 205 -20.31 -8.52 -9.93
CA PRO A 205 -21.27 -7.82 -9.08
C PRO A 205 -21.54 -8.60 -7.78
#